data_3TVL
#
_entry.id   3TVL
#
_cell.length_a   46.378
_cell.length_b   63.529
_cell.length_c   70.950
_cell.angle_alpha   90.00
_cell.angle_beta   108.75
_cell.angle_gamma   90.00
#
_symmetry.space_group_name_H-M   'P 1 21 1'
#
loop_
_entity.id
_entity.type
_entity.pdbx_description
1 polymer Thiamine-triphosphatase
2 non-polymer TRIPHOSPHATE
3 non-polymer 1,2-ETHANEDIOL
4 water water
#
_entity_poly.entity_id   1
_entity_poly.type   'polypeptide(L)'
_entity_poly.pdbx_seq_one_letter_code
;MAQGLIEVERKFLPGPGTEERLQELGGTLEYRVTFRDTYYDTPELSLMQADHWLRRREDSGWELKCPGAAGVLGPHTEYK
ELTAEPTIVAQLCKVLRADGLGAGDVAAVLGPLGLQEVASFVTKRSAWKLVLLGADEEEPQLRVDLDTADFGYAVGEVEA
LVHEEAEVPTALEKIHRLSSMLGVPAQETAPAKLIVYLQRFRPQDYQRLLEVNSSRERPQETEDPDHCLG
;
_entity_poly.pdbx_strand_id   A,B
#
loop_
_chem_comp.id
_chem_comp.type
_chem_comp.name
_chem_comp.formula
3PO non-polymer TRIPHOSPHATE 'H5 O10 P3'
EDO non-polymer 1,2-ETHANEDIOL 'C2 H6 O2'
#
# COMPACT_ATOMS: atom_id res chain seq x y z
N GLY A 4 6.66 26.40 3.49
CA GLY A 4 7.95 26.60 2.77
C GLY A 4 9.17 26.29 3.63
N LEU A 5 9.18 25.11 4.25
CA LEU A 5 10.42 24.64 4.87
C LEU A 5 11.22 23.91 3.78
N ILE A 6 12.51 24.17 3.68
CA ILE A 6 13.29 23.61 2.60
C ILE A 6 14.14 22.45 3.07
N GLU A 7 13.85 21.29 2.52
CA GLU A 7 14.60 20.06 2.76
C GLU A 7 15.73 19.91 1.73
N VAL A 8 16.96 19.78 2.19
CA VAL A 8 18.09 19.52 1.31
C VAL A 8 18.60 18.16 1.74
N GLU A 9 18.79 17.23 0.81
CA GLU A 9 18.92 15.82 1.18
C GLU A 9 19.81 15.01 0.25
N ARG A 10 20.26 13.87 0.78
CA ARG A 10 21.12 12.96 0.09
C ARG A 10 20.80 11.56 0.65
N LYS A 11 20.22 10.72 -0.18
CA LYS A 11 19.90 9.35 0.23
C LYS A 11 21.11 8.47 0.03
N PHE A 12 21.19 7.40 0.81
CA PHE A 12 22.26 6.43 0.74
C PHE A 12 21.80 5.11 1.35
N LEU A 13 22.49 4.03 1.02
CA LEU A 13 22.23 2.76 1.68
C LEU A 13 23.12 2.65 2.91
N PRO A 14 22.50 2.53 4.10
CA PRO A 14 23.28 2.46 5.35
C PRO A 14 24.13 1.21 5.37
N GLY A 15 25.23 1.26 6.12
CA GLY A 15 26.06 0.07 6.36
C GLY A 15 26.06 -0.39 7.80
N PRO A 16 26.78 -1.50 8.07
CA PRO A 16 26.93 -2.00 9.45
C PRO A 16 27.50 -0.96 10.44
N GLY A 17 28.41 -0.11 9.98
CA GLY A 17 29.05 0.88 10.85
C GLY A 17 28.42 2.26 10.83
N THR A 18 27.30 2.43 10.14
CA THR A 18 26.69 3.75 9.98
C THR A 18 26.36 4.40 11.31
N GLU A 19 25.66 3.67 12.16
CA GLU A 19 25.18 4.22 13.42
C GLU A 19 26.32 4.51 14.40
N GLU A 20 27.27 3.58 14.51
CA GLU A 20 28.49 3.79 15.31
C GLU A 20 29.27 5.06 14.88
N ARG A 21 29.44 5.25 13.58
CA ARG A 21 30.10 6.47 13.05
C ARG A 21 29.34 7.73 13.48
N LEU A 22 28.02 7.73 13.31
CA LEU A 22 27.17 8.83 13.78
C LEU A 22 27.38 9.16 15.26
N GLN A 23 27.43 8.14 16.11
CA GLN A 23 27.75 8.30 17.56
C GLN A 23 29.11 8.93 17.78
N GLU A 24 30.12 8.41 17.07
CA GLU A 24 31.52 8.84 17.15
C GLU A 24 31.68 10.26 16.70
N LEU A 25 30.76 10.72 15.85
CA LEU A 25 30.73 12.13 15.43
C LEU A 25 29.92 13.02 16.39
N GLY A 26 29.50 12.51 17.54
CA GLY A 26 28.71 13.31 18.50
C GLY A 26 27.20 13.30 18.26
N GLY A 27 26.76 12.53 17.27
CA GLY A 27 25.34 12.41 16.95
C GLY A 27 24.53 11.72 18.04
N THR A 28 23.27 12.11 18.17
CA THR A 28 22.38 11.46 19.14
C THR A 28 21.15 10.95 18.39
N LEU A 29 20.65 9.81 18.84
CA LEU A 29 19.39 9.29 18.35
C LEU A 29 18.23 9.99 19.05
N GLU A 30 17.51 10.82 18.30
CA GLU A 30 16.50 11.72 18.85
C GLU A 30 15.16 11.02 19.13
N TYR A 31 14.67 10.23 18.18
CA TYR A 31 13.42 9.47 18.35
C TYR A 31 13.35 8.32 17.32
N ARG A 32 12.59 7.28 17.63
CA ARG A 32 12.21 6.26 16.68
C ARG A 32 10.72 6.40 16.43
N VAL A 33 10.28 6.20 15.19
CA VAL A 33 8.87 6.40 14.79
C VAL A 33 8.44 5.45 13.64
N THR A 34 7.22 4.92 13.74
CA THR A 34 6.56 4.13 12.71
C THR A 34 5.44 5.00 12.12
N PHE A 35 5.37 5.10 10.79
CA PHE A 35 4.30 5.90 10.16
C PHE A 35 3.80 5.26 8.90
N ARG A 36 2.56 5.58 8.54
CA ARG A 36 1.96 5.00 7.35
C ARG A 36 1.73 6.11 6.32
N ASP A 37 2.25 5.96 5.11
CA ASP A 37 2.17 6.98 4.07
C ASP A 37 1.45 6.41 2.86
N THR A 38 0.47 7.16 2.34
CA THR A 38 -0.19 6.87 1.07
C THR A 38 0.15 7.91 -0.01
N TYR A 39 0.76 7.45 -1.11
CA TYR A 39 1.19 8.31 -2.23
C TYR A 39 0.14 8.34 -3.35
N TYR A 40 0.02 9.51 -4.00
CA TYR A 40 -1.03 9.81 -5.00
C TYR A 40 -0.44 10.37 -6.30
N ASP A 41 -1.01 9.96 -7.44
CA ASP A 41 -0.60 10.54 -8.71
C ASP A 41 -1.67 10.27 -9.74
N THR A 42 -1.56 10.92 -10.89
CA THR A 42 -2.47 10.70 -12.02
C THR A 42 -2.10 9.38 -12.73
N PRO A 43 -3.01 8.80 -13.52
CA PRO A 43 -2.58 7.58 -14.21
C PRO A 43 -1.24 7.71 -14.99
N GLU A 44 -0.96 8.89 -15.55
CA GLU A 44 0.23 9.11 -16.39
C GLU A 44 1.47 9.44 -15.57
N LEU A 45 1.32 9.52 -14.25
CA LEU A 45 2.38 9.84 -13.29
C LEU A 45 2.94 11.25 -13.56
N SER A 46 2.05 12.21 -13.73
CA SER A 46 2.48 13.56 -14.05
C SER A 46 3.29 14.22 -12.95
N LEU A 47 2.98 13.92 -11.69
CA LEU A 47 3.72 14.56 -10.56
C LEU A 47 5.16 14.07 -10.44
N MET A 48 5.34 12.75 -10.48
CA MET A 48 6.64 12.08 -10.39
C MET A 48 7.57 12.52 -11.49
N GLN A 49 7.08 12.46 -12.73
CA GLN A 49 7.73 13.06 -13.91
C GLN A 49 8.13 14.53 -13.72
N ALA A 50 7.33 15.31 -13.00
CA ALA A 50 7.70 16.69 -12.68
C ALA A 50 8.51 16.77 -11.39
N ASP A 51 8.83 15.63 -10.82
CA ASP A 51 9.61 15.54 -9.57
C ASP A 51 8.86 16.22 -8.39
N HIS A 52 7.53 16.08 -8.41
CA HIS A 52 6.64 16.51 -7.31
C HIS A 52 6.17 15.24 -6.62
N TRP A 53 6.01 15.29 -5.30
CA TRP A 53 5.69 14.12 -4.49
C TRP A 53 4.60 14.46 -3.48
N LEU A 54 3.40 13.98 -3.81
CA LEU A 54 2.19 14.13 -3.00
C LEU A 54 1.94 12.86 -2.18
N ARG A 55 1.84 13.02 -0.87
CA ARG A 55 1.42 11.93 -0.02
C ARG A 55 0.58 12.38 1.15
N ARG A 56 -0.11 11.40 1.72
CA ARG A 56 -0.95 11.58 2.85
C ARG A 56 -0.28 10.80 3.97
N ARG A 57 0.16 11.47 5.02
CA ARG A 57 0.67 10.73 6.17
C ARG A 57 -0.55 10.34 7.04
N GLU A 58 -0.87 9.06 7.11
CA GLU A 58 -2.13 8.62 7.76
C GLU A 58 -2.18 9.06 9.23
N ASP A 59 -3.33 9.65 9.58
CA ASP A 59 -3.66 10.18 10.89
C ASP A 59 -3.03 11.54 11.20
N SER A 60 -2.43 12.14 10.17
CA SER A 60 -1.57 13.31 10.34
C SER A 60 -1.97 14.48 9.41
N GLY A 61 -1.93 14.28 8.10
CA GLY A 61 -2.12 15.36 7.15
C GLY A 61 -1.34 15.16 5.85
N TRP A 62 -1.58 16.07 4.92
CA TRP A 62 -1.06 16.00 3.58
C TRP A 62 0.31 16.66 3.50
N GLU A 63 1.12 16.20 2.52
CA GLU A 63 2.35 16.90 2.14
C GLU A 63 2.66 16.85 0.62
N LEU A 64 2.94 18.00 0.04
CA LEU A 64 3.54 18.08 -1.28
C LEU A 64 5.00 18.52 -1.17
N LYS A 65 5.91 17.68 -1.68
CA LYS A 65 7.29 18.09 -1.90
C LYS A 65 7.47 18.70 -3.30
N CYS A 66 7.89 19.96 -3.31
CA CYS A 66 8.06 20.77 -4.51
CA CYS A 66 8.03 20.77 -4.51
C CYS A 66 9.50 21.04 -4.78
N PRO A 67 10.00 20.64 -5.97
CA PRO A 67 11.44 20.79 -6.19
C PRO A 67 11.94 22.27 -6.14
N GLY A 68 12.92 22.55 -5.29
CA GLY A 68 13.44 23.92 -5.13
C GLY A 68 14.43 24.44 -6.17
N ALA A 69 15.08 23.55 -6.92
CA ALA A 69 15.98 23.97 -7.97
C ALA A 69 16.03 22.90 -9.04
N ALA A 70 14.91 22.87 -9.79
CA ALA A 70 14.71 21.96 -10.90
C ALA A 70 15.54 22.42 -12.08
N GLY A 71 16.28 21.47 -12.67
CA GLY A 71 17.18 21.77 -13.77
C GLY A 71 18.58 22.08 -13.27
N VAL A 72 18.68 23.14 -12.47
CA VAL A 72 19.95 23.63 -11.94
C VAL A 72 20.67 22.59 -11.09
N LEU A 73 20.06 22.22 -9.97
CA LEU A 73 20.57 21.14 -9.15
C LEU A 73 20.31 19.78 -9.81
N GLY A 74 21.19 18.81 -9.53
CA GLY A 74 20.89 17.39 -9.78
C GLY A 74 19.53 17.05 -9.16
N PRO A 75 18.87 15.99 -9.65
CA PRO A 75 17.51 15.79 -9.11
C PRO A 75 17.57 15.15 -7.72
N HIS A 76 16.47 15.19 -6.99
CA HIS A 76 16.32 14.53 -5.67
C HIS A 76 17.26 15.08 -4.57
N THR A 77 17.47 16.38 -4.62
CA THR A 77 18.41 17.04 -3.74
C THR A 77 17.71 18.11 -2.87
N GLU A 78 16.72 18.78 -3.42
CA GLU A 78 16.15 19.86 -2.67
C GLU A 78 14.65 19.94 -2.89
N TYR A 79 13.92 20.03 -1.79
CA TYR A 79 12.47 20.06 -1.82
C TYR A 79 11.97 21.06 -0.79
N LYS A 80 11.01 21.89 -1.20
CA LYS A 80 10.23 22.68 -0.26
C LYS A 80 9.01 21.83 0.13
N GLU A 81 8.81 21.63 1.43
CA GLU A 81 7.76 20.77 1.94
C GLU A 81 6.50 21.57 2.22
N LEU A 82 5.48 21.42 1.37
CA LEU A 82 4.22 22.13 1.58
C LEU A 82 3.25 21.32 2.43
N THR A 83 2.83 21.89 3.54
CA THR A 83 1.85 21.22 4.40
C THR A 83 0.53 22.02 4.57
N ALA A 84 0.50 23.30 4.22
CA ALA A 84 -0.79 24.00 4.20
C ALA A 84 -1.61 23.57 2.97
N GLU A 85 -2.79 22.98 3.18
CA GLU A 85 -3.56 22.42 2.06
C GLU A 85 -3.98 23.43 0.97
N PRO A 86 -4.33 24.68 1.36
CA PRO A 86 -4.63 25.69 0.31
C PRO A 86 -3.45 25.93 -0.63
N THR A 87 -2.23 25.98 -0.07
CA THR A 87 -0.99 26.02 -0.87
C THR A 87 -0.70 24.71 -1.65
N ILE A 88 -0.91 23.55 -1.01
CA ILE A 88 -0.75 22.30 -1.72
C ILE A 88 -1.67 22.30 -2.95
N VAL A 89 -2.95 22.66 -2.77
CA VAL A 89 -3.92 22.74 -3.88
C VAL A 89 -3.46 23.70 -4.96
N ALA A 90 -3.04 24.90 -4.57
CA ALA A 90 -2.63 25.93 -5.53
C ALA A 90 -1.54 25.38 -6.40
N GLN A 91 -0.66 24.60 -5.80
CA GLN A 91 0.52 24.11 -6.50
C GLN A 91 0.20 22.90 -7.34
N LEU A 92 -0.69 22.04 -6.85
CA LEU A 92 -1.18 20.91 -7.63
C LEU A 92 -1.84 21.36 -8.93
N CYS A 93 -2.65 22.41 -8.84
CA CYS A 93 -3.32 22.95 -10.02
C CYS A 93 -2.33 23.54 -11.02
N LYS A 94 -1.32 24.22 -10.49
CA LYS A 94 -0.21 24.74 -11.27
C LYS A 94 0.52 23.66 -12.08
N VAL A 95 1.00 22.59 -11.42
CA VAL A 95 1.71 21.51 -12.10
C VAL A 95 0.84 20.63 -13.00
N LEU A 96 -0.42 20.42 -12.66
CA LEU A 96 -1.29 19.58 -13.47
C LEU A 96 -2.06 20.39 -14.48
N ARG A 97 -1.88 21.71 -14.45
CA ARG A 97 -2.53 22.65 -15.37
C ARG A 97 -4.04 22.56 -15.34
N ALA A 98 -4.62 22.50 -14.14
CA ALA A 98 -6.05 22.68 -13.96
C ALA A 98 -6.24 24.14 -13.56
N ASP A 99 -7.45 24.67 -13.75
CA ASP A 99 -7.62 26.12 -13.53
C ASP A 99 -7.78 26.48 -12.05
N GLY A 100 -8.53 27.55 -11.81
CA GLY A 100 -9.06 27.87 -10.50
C GLY A 100 -10.14 26.85 -10.21
N LEU A 101 -9.90 26.04 -9.20
CA LEU A 101 -10.87 25.04 -8.77
C LEU A 101 -11.72 25.60 -7.64
N GLY A 102 -11.22 26.64 -6.96
CA GLY A 102 -11.80 27.10 -5.69
C GLY A 102 -11.75 25.94 -4.70
N ALA A 103 -10.54 25.64 -4.20
CA ALA A 103 -10.36 24.53 -3.26
C ALA A 103 -9.47 24.89 -2.07
N GLY A 104 -10.03 24.72 -0.87
CA GLY A 104 -9.25 24.84 0.36
C GLY A 104 -8.69 23.51 0.85
N ASP A 105 -9.05 22.39 0.21
CA ASP A 105 -8.63 21.08 0.68
C ASP A 105 -8.42 20.01 -0.39
N VAL A 106 -7.44 19.17 -0.10
CA VAL A 106 -6.90 18.22 -1.06
C VAL A 106 -7.89 17.11 -1.40
N ALA A 107 -8.53 16.53 -0.37
CA ALA A 107 -9.53 15.47 -0.56
C ALA A 107 -10.58 15.83 -1.61
N ALA A 108 -11.09 17.06 -1.55
CA ALA A 108 -12.04 17.59 -2.55
C ALA A 108 -11.41 17.70 -3.96
N VAL A 109 -10.10 17.79 -4.01
CA VAL A 109 -9.39 18.09 -5.25
C VAL A 109 -8.97 16.81 -5.98
N LEU A 110 -9.04 15.69 -5.27
CA LEU A 110 -8.43 14.46 -5.76
C LEU A 110 -9.06 13.92 -7.06
N GLY A 111 -10.39 13.96 -7.15
CA GLY A 111 -11.11 13.37 -8.28
C GLY A 111 -11.11 14.30 -9.48
N PRO A 112 -11.49 15.59 -9.25
CA PRO A 112 -11.39 16.59 -10.33
C PRO A 112 -10.00 16.65 -10.99
N LEU A 113 -8.90 16.38 -10.27
CA LEU A 113 -7.56 16.38 -10.91
C LEU A 113 -7.08 15.03 -11.46
N GLY A 114 -7.91 14.00 -11.36
CA GLY A 114 -7.52 12.67 -11.81
C GLY A 114 -6.42 12.01 -10.99
N LEU A 115 -6.25 12.44 -9.73
CA LEU A 115 -5.26 11.82 -8.85
C LEU A 115 -5.76 10.55 -8.17
N GLN A 116 -4.89 9.53 -8.14
CA GLN A 116 -5.19 8.28 -7.49
C GLN A 116 -4.08 7.78 -6.58
N GLU A 117 -4.49 6.89 -5.68
CA GLU A 117 -3.56 6.21 -4.83
C GLU A 117 -2.63 5.30 -5.67
N VAL A 118 -1.33 5.43 -5.43
CA VAL A 118 -0.32 4.57 -6.11
C VAL A 118 0.51 3.70 -5.17
N ALA A 119 0.38 3.96 -3.86
CA ALA A 119 1.14 3.24 -2.87
C ALA A 119 0.73 3.66 -1.46
N SER A 120 0.74 2.68 -0.56
CA SER A 120 0.51 2.93 0.85
C SER A 120 1.40 1.92 1.54
N PHE A 121 2.22 2.38 2.47
CA PHE A 121 3.11 1.50 3.20
C PHE A 121 3.62 2.15 4.49
N VAL A 122 4.07 1.26 5.38
CA VAL A 122 4.52 1.57 6.71
C VAL A 122 6.09 1.55 6.72
N THR A 123 6.62 2.56 7.39
CA THR A 123 8.02 2.77 7.59
C THR A 123 8.33 2.89 9.08
N LYS A 124 9.48 2.33 9.48
CA LYS A 124 10.06 2.54 10.80
C LYS A 124 11.29 3.39 10.62
N ARG A 125 11.37 4.48 11.38
CA ARG A 125 12.45 5.44 11.28
C ARG A 125 13.26 5.59 12.58
N SER A 126 14.58 5.60 12.45
CA SER A 126 15.44 6.09 13.51
C SER A 126 15.97 7.47 13.13
N ALA A 127 15.62 8.49 13.92
CA ALA A 127 16.02 9.86 13.58
C ALA A 127 17.18 10.39 14.42
N TRP A 128 18.32 10.55 13.77
CA TRP A 128 19.57 10.98 14.38
C TRP A 128 19.78 12.48 14.17
N LYS A 129 20.31 13.17 15.18
CA LYS A 129 20.72 14.56 15.00
C LYS A 129 22.20 14.80 15.32
N LEU A 130 22.77 15.75 14.62
CA LEU A 130 24.10 16.17 14.94
C LEU A 130 24.07 17.65 15.35
N VAL A 131 24.42 17.90 16.61
CA VAL A 131 24.28 19.24 17.18
C VAL A 131 25.62 19.99 17.07
N LEU A 132 25.73 20.87 16.05
CA LEU A 132 26.97 21.59 15.73
C LEU A 132 27.55 22.47 16.87
N PRO A 140 21.26 25.57 13.20
CA PRO A 140 22.59 25.00 13.28
C PRO A 140 22.57 23.49 13.55
N GLN A 141 21.93 22.72 12.65
CA GLN A 141 21.94 21.25 12.77
C GLN A 141 21.61 20.45 11.50
N LEU A 142 22.18 19.25 11.47
CA LEU A 142 22.01 18.29 10.41
C LEU A 142 21.27 17.08 10.95
N ARG A 143 20.53 16.41 10.07
CA ARG A 143 19.80 15.21 10.42
C ARG A 143 20.17 14.02 9.55
N VAL A 144 20.07 12.85 10.17
CA VAL A 144 20.26 11.58 9.48
C VAL A 144 19.13 10.63 9.89
N ASP A 145 18.22 10.40 8.95
CA ASP A 145 17.11 9.46 9.13
C ASP A 145 17.51 8.12 8.58
N LEU A 146 17.35 7.07 9.39
CA LEU A 146 17.52 5.70 8.90
C LEU A 146 16.18 5.01 8.80
N ASP A 147 15.72 4.77 7.59
CA ASP A 147 14.40 4.19 7.34
C ASP A 147 14.45 2.72 6.92
N THR A 148 13.59 1.89 7.50
CA THR A 148 13.35 0.52 7.01
C THR A 148 11.86 0.38 6.65
N ALA A 149 11.56 0.18 5.37
CA ALA A 149 10.14 0.02 4.98
C ALA A 149 9.62 -1.39 5.28
N ASP A 150 8.29 -1.55 5.34
CA ASP A 150 7.71 -2.84 5.65
C ASP A 150 7.91 -3.90 4.57
N PHE A 151 8.37 -3.51 3.38
CA PHE A 151 8.74 -4.50 2.35
C PHE A 151 10.24 -4.84 2.37
N GLY A 152 10.94 -4.53 3.47
CA GLY A 152 12.36 -4.90 3.65
C GLY A 152 13.46 -3.93 3.18
N TYR A 153 13.12 -2.81 2.55
CA TYR A 153 14.14 -1.90 2.03
C TYR A 153 14.60 -0.92 3.09
N ALA A 154 15.91 -0.90 3.33
CA ALA A 154 16.53 0.02 4.29
C ALA A 154 17.29 1.12 3.54
N VAL A 155 16.93 2.37 3.79
CA VAL A 155 17.56 3.49 3.12
C VAL A 155 17.79 4.60 4.16
N GLY A 156 18.84 5.38 3.95
CA GLY A 156 19.16 6.49 4.82
C GLY A 156 19.16 7.80 4.08
N GLU A 157 19.12 8.86 4.86
CA GLU A 157 19.07 10.19 4.29
C GLU A 157 19.82 11.16 5.19
N VAL A 158 20.83 11.81 4.64
CA VAL A 158 21.43 12.94 5.32
C VAL A 158 20.67 14.17 4.83
N GLU A 159 20.27 15.00 5.78
CA GLU A 159 19.27 16.03 5.53
C GLU A 159 19.56 17.34 6.26
N ALA A 160 19.40 18.47 5.57
CA ALA A 160 19.43 19.77 6.25
C ALA A 160 18.12 20.48 5.99
N LEU A 161 17.55 21.06 7.03
CA LEU A 161 16.32 21.86 6.87
C LEU A 161 16.64 23.36 6.95
N VAL A 162 16.34 24.10 5.89
CA VAL A 162 16.64 25.51 5.88
C VAL A 162 15.39 26.28 5.52
N HIS A 163 15.51 27.61 5.55
CA HIS A 163 14.35 28.46 5.35
C HIS A 163 14.48 29.30 4.10
N GLU A 164 15.71 29.43 3.58
CA GLU A 164 16.03 30.32 2.47
C GLU A 164 16.67 29.51 1.37
N GLU A 165 16.35 29.85 0.13
CA GLU A 165 17.06 29.22 -0.99
C GLU A 165 18.53 29.64 -1.04
N ALA A 166 18.83 30.82 -0.50
CA ALA A 166 20.18 31.32 -0.33
C ALA A 166 21.05 30.44 0.61
N GLU A 167 20.39 29.61 1.44
CA GLU A 167 21.04 28.73 2.44
C GLU A 167 21.40 27.37 1.87
N VAL A 168 20.86 27.09 0.68
CA VAL A 168 20.99 25.78 0.03
C VAL A 168 22.42 25.36 -0.40
N PRO A 169 23.22 26.25 -1.00
CA PRO A 169 24.58 25.82 -1.39
C PRO A 169 25.48 25.35 -0.21
N THR A 170 25.36 26.04 0.91
CA THR A 170 26.01 25.73 2.18
C THR A 170 25.50 24.42 2.77
N ALA A 171 24.18 24.27 2.81
CA ALA A 171 23.57 23.02 3.27
C ALA A 171 24.11 21.85 2.45
N LEU A 172 24.13 21.98 1.13
CA LEU A 172 24.69 20.94 0.25
C LEU A 172 26.13 20.55 0.61
N GLU A 173 26.99 21.53 0.77
CA GLU A 173 28.38 21.28 1.15
C GLU A 173 28.41 20.48 2.47
N LYS A 174 27.62 20.90 3.47
CA LYS A 174 27.57 20.26 4.80
C LYS A 174 27.11 18.82 4.75
N ILE A 175 26.05 18.60 3.98
CA ILE A 175 25.53 17.28 3.71
C ILE A 175 26.52 16.39 2.96
N HIS A 176 27.24 16.97 1.98
CA HIS A 176 28.22 16.19 1.22
C HIS A 176 29.35 15.75 2.15
N ARG A 177 29.77 16.66 3.03
CA ARG A 177 30.86 16.40 3.95
C ARG A 177 30.51 15.41 5.06
N LEU A 178 29.29 15.49 5.59
CA LEU A 178 28.84 14.53 6.57
C LEU A 178 28.79 13.15 5.94
N SER A 179 28.25 13.09 4.72
CA SER A 179 28.12 11.85 3.96
C SER A 179 29.44 11.14 3.77
N SER A 180 30.51 11.87 3.44
N SER A 180 30.50 11.89 3.48
CA SER A 180 31.81 11.25 3.25
CA SER A 180 31.83 11.31 3.24
C SER A 180 32.27 10.61 4.55
C SER A 180 32.50 10.80 4.52
N MET A 181 32.04 11.32 5.66
CA MET A 181 32.52 10.92 6.98
C MET A 181 31.79 9.72 7.47
N LEU A 182 30.61 9.49 6.92
CA LEU A 182 29.87 8.27 7.18
C LEU A 182 30.28 7.11 6.28
N GLY A 183 31.18 7.36 5.33
CA GLY A 183 31.61 6.30 4.42
C GLY A 183 30.83 6.14 3.12
N VAL A 184 29.93 7.07 2.81
CA VAL A 184 29.15 7.00 1.54
C VAL A 184 29.96 7.48 0.32
N PRO A 185 30.23 6.56 -0.64
CA PRO A 185 31.04 6.95 -1.82
C PRO A 185 30.41 8.14 -2.52
N ALA A 186 31.27 9.04 -2.98
CA ALA A 186 30.84 10.30 -3.57
C ALA A 186 29.72 10.08 -4.60
N GLN A 187 29.79 8.96 -5.31
CA GLN A 187 28.91 8.69 -6.45
C GLN A 187 27.82 7.65 -6.23
N GLU A 188 27.73 7.13 -5.02
CA GLU A 188 26.62 6.27 -4.63
C GLU A 188 25.32 7.12 -4.66
N THR A 189 24.25 6.50 -5.14
CA THR A 189 22.91 7.03 -4.95
C THR A 189 22.02 5.89 -4.44
N ALA A 190 20.89 6.26 -3.85
CA ALA A 190 19.90 5.26 -3.43
C ALA A 190 18.49 5.77 -3.74
N PRO A 191 17.61 4.87 -4.22
CA PRO A 191 16.28 5.36 -4.55
C PRO A 191 15.41 5.60 -3.31
N ALA A 192 14.41 6.48 -3.48
CA ALA A 192 13.37 6.71 -2.48
C ALA A 192 12.60 5.40 -2.20
N LYS A 193 12.05 5.26 -0.98
CA LYS A 193 11.23 4.07 -0.66
C LYS A 193 10.11 3.89 -1.67
N LEU A 194 9.47 4.99 -2.06
CA LEU A 194 8.35 4.89 -2.99
C LEU A 194 8.76 4.16 -4.25
N ILE A 195 9.96 4.46 -4.76
CA ILE A 195 10.43 3.90 -6.04
C ILE A 195 10.68 2.39 -5.89
N VAL A 196 11.30 1.97 -4.79
CA VAL A 196 11.45 0.51 -4.55
C VAL A 196 10.05 -0.14 -4.39
N TYR A 197 9.13 0.56 -3.76
CA TYR A 197 7.75 0.07 -3.73
C TYR A 197 7.18 -0.20 -5.12
N LEU A 198 7.36 0.75 -6.05
CA LEU A 198 6.84 0.55 -7.41
C LEU A 198 7.56 -0.59 -8.11
N GLN A 199 8.90 -0.64 -8.01
CA GLN A 199 9.67 -1.79 -8.51
C GLN A 199 9.07 -3.13 -8.10
N ARG A 200 8.71 -3.26 -6.82
CA ARG A 200 8.24 -4.52 -6.23
C ARG A 200 6.78 -4.87 -6.53
N PHE A 201 5.92 -3.88 -6.60
CA PHE A 201 4.47 -4.12 -6.50
C PHE A 201 3.69 -3.56 -7.65
N ARG A 202 4.31 -2.63 -8.38
CA ARG A 202 3.69 -1.95 -9.50
C ARG A 202 4.81 -1.69 -10.53
N PRO A 203 5.48 -2.77 -11.00
CA PRO A 203 6.65 -2.62 -11.88
C PRO A 203 6.34 -1.84 -13.16
N GLN A 204 5.13 -1.99 -13.68
CA GLN A 204 4.72 -1.33 -14.91
C GLN A 204 4.73 0.16 -14.72
N ASP A 205 4.48 0.63 -13.50
CA ASP A 205 4.61 2.05 -13.21
C ASP A 205 6.05 2.47 -13.06
N TYR A 206 6.86 1.65 -12.39
CA TYR A 206 8.30 1.91 -12.30
C TYR A 206 8.93 2.00 -13.69
N GLN A 207 8.57 1.08 -14.57
CA GLN A 207 9.21 1.07 -15.88
C GLN A 207 8.81 2.29 -16.68
N ARG A 208 7.56 2.71 -16.57
CA ARG A 208 7.12 3.82 -17.41
C ARG A 208 7.82 5.11 -16.99
N LEU A 209 8.16 5.17 -15.70
CA LEU A 209 8.87 6.28 -15.12
C LEU A 209 10.32 6.35 -15.59
N LEU A 210 10.94 5.21 -15.83
CA LEU A 210 12.32 5.21 -16.32
C LEU A 210 12.35 5.51 -17.80
N GLU A 211 11.34 5.00 -18.51
CA GLU A 211 11.16 5.22 -19.95
C GLU A 211 10.99 6.70 -20.23
N VAL A 212 9.88 7.28 -19.74
CA VAL A 212 9.54 8.69 -19.99
C VAL A 212 10.59 9.67 -19.46
N ASN A 213 11.45 9.20 -18.55
CA ASN A 213 12.50 10.07 -18.04
C ASN A 213 13.79 10.06 -18.88
N SER A 214 13.78 9.26 -19.94
CA SER A 214 14.80 9.33 -21.00
C SER A 214 14.35 10.28 -22.12
N LEU B 5 -11.32 -23.64 -7.54
CA LEU B 5 -12.18 -22.66 -8.29
C LEU B 5 -13.32 -22.10 -7.45
N ILE B 6 -14.16 -22.96 -6.87
CA ILE B 6 -15.24 -22.48 -6.01
C ILE B 6 -14.85 -22.50 -4.53
N GLU B 7 -15.05 -21.36 -3.88
CA GLU B 7 -14.66 -21.15 -2.51
C GLU B 7 -15.90 -20.96 -1.66
N VAL B 8 -16.02 -21.76 -0.61
CA VAL B 8 -17.12 -21.66 0.33
C VAL B 8 -16.44 -21.30 1.64
N GLU B 9 -16.91 -20.23 2.29
CA GLU B 9 -16.10 -19.62 3.36
C GLU B 9 -16.92 -19.01 4.44
N ARG B 10 -16.35 -19.04 5.63
CA ARG B 10 -16.94 -18.44 6.81
C ARG B 10 -15.86 -17.73 7.62
N LYS B 11 -16.03 -16.43 7.79
CA LYS B 11 -15.06 -15.65 8.55
C LYS B 11 -15.48 -15.54 9.98
N PHE B 12 -14.50 -15.50 10.87
CA PHE B 12 -14.75 -15.46 12.29
C PHE B 12 -13.63 -14.70 12.93
N LEU B 13 -13.89 -14.27 14.17
CA LEU B 13 -12.89 -13.61 14.99
C LEU B 13 -12.20 -14.66 15.86
N PRO B 14 -10.89 -14.89 15.61
CA PRO B 14 -10.22 -15.95 16.38
C PRO B 14 -10.04 -15.51 17.84
N GLY B 15 -10.10 -16.48 18.75
CA GLY B 15 -9.79 -16.27 20.16
C GLY B 15 -8.70 -17.23 20.60
N PRO B 16 -8.40 -17.29 21.91
CA PRO B 16 -7.24 -17.99 22.49
C PRO B 16 -7.00 -19.46 22.05
N GLY B 17 -7.99 -20.35 22.18
CA GLY B 17 -7.79 -21.77 21.89
C GLY B 17 -7.90 -22.23 20.45
N THR B 18 -8.06 -21.30 19.50
CA THR B 18 -8.36 -21.64 18.10
C THR B 18 -7.33 -22.59 17.51
N GLU B 19 -6.06 -22.23 17.63
CA GLU B 19 -5.03 -23.04 17.01
C GLU B 19 -4.89 -24.39 17.70
N GLU B 20 -5.09 -24.43 19.02
CA GLU B 20 -5.04 -25.69 19.78
C GLU B 20 -6.13 -26.65 19.34
N ARG B 21 -7.37 -26.16 19.24
CA ARG B 21 -8.52 -26.98 18.79
C ARG B 21 -8.25 -27.65 17.44
N LEU B 22 -7.82 -26.82 16.51
CA LEU B 22 -7.45 -27.20 15.17
C LEU B 22 -6.41 -28.31 15.22
N GLN B 23 -5.37 -28.07 16.02
CA GLN B 23 -4.35 -29.07 16.29
C GLN B 23 -4.95 -30.37 16.87
N GLU B 24 -5.80 -30.23 17.88
CA GLU B 24 -6.45 -31.40 18.50
C GLU B 24 -7.27 -32.20 17.49
N LEU B 25 -7.80 -31.52 16.47
CA LEU B 25 -8.57 -32.20 15.44
C LEU B 25 -7.66 -32.79 14.36
N GLY B 26 -6.35 -32.76 14.56
CA GLY B 26 -5.39 -33.22 13.54
C GLY B 26 -5.15 -32.26 12.37
N GLY B 27 -5.47 -30.97 12.56
CA GLY B 27 -5.07 -29.94 11.59
C GLY B 27 -3.55 -29.71 11.59
N THR B 28 -3.00 -29.44 10.41
CA THR B 28 -1.57 -29.19 10.29
C THR B 28 -1.30 -27.80 9.69
N LEU B 29 -0.34 -27.08 10.27
CA LEU B 29 0.00 -25.77 9.81
C LEU B 29 0.89 -25.86 8.58
N GLU B 30 0.34 -25.52 7.42
CA GLU B 30 1.06 -25.68 6.17
C GLU B 30 2.20 -24.69 6.01
N TYR B 31 1.95 -23.44 6.37
CA TYR B 31 2.97 -22.41 6.30
C TYR B 31 2.53 -21.11 6.92
N ARG B 32 3.51 -20.26 7.18
CA ARG B 32 3.33 -18.93 7.74
C ARG B 32 3.96 -17.94 6.81
N VAL B 33 3.16 -17.05 6.28
CA VAL B 33 3.62 -16.16 5.25
C VAL B 33 3.18 -14.74 5.58
N THR B 34 3.87 -13.79 4.97
CA THR B 34 3.62 -12.36 5.10
C THR B 34 3.50 -11.87 3.66
N PHE B 35 2.51 -11.03 3.36
CA PHE B 35 2.31 -10.58 1.99
C PHE B 35 1.49 -9.30 1.92
N ARG B 36 1.74 -8.51 0.87
CA ARG B 36 1.00 -7.26 0.61
C ARG B 36 -0.14 -7.55 -0.36
N ASP B 37 -1.35 -7.09 -0.05
CA ASP B 37 -2.45 -7.08 -1.06
C ASP B 37 -2.77 -5.66 -1.52
N THR B 38 -2.95 -5.49 -2.82
CA THR B 38 -3.48 -4.23 -3.32
C THR B 38 -4.81 -4.52 -3.99
N TYR B 39 -5.84 -3.80 -3.51
CA TYR B 39 -7.19 -3.92 -4.00
C TYR B 39 -7.48 -2.79 -5.00
N TYR B 40 -8.06 -3.16 -6.14
CA TYR B 40 -8.31 -2.24 -7.25
C TYR B 40 -9.79 -2.07 -7.51
N ASP B 41 -10.23 -0.84 -7.74
CA ASP B 41 -11.64 -0.59 -8.07
C ASP B 41 -11.81 0.75 -8.84
N THR B 42 -13.04 1.02 -9.24
CA THR B 42 -13.38 2.31 -9.85
C THR B 42 -13.53 3.35 -8.72
N PRO B 43 -13.44 4.66 -9.06
CA PRO B 43 -13.73 5.62 -7.99
C PRO B 43 -15.06 5.40 -7.29
N GLU B 44 -16.04 4.80 -7.98
CA GLU B 44 -17.38 4.55 -7.43
C GLU B 44 -17.50 3.22 -6.68
N LEU B 45 -16.39 2.53 -6.48
CA LEU B 45 -16.42 1.21 -5.87
C LEU B 45 -17.43 0.30 -6.57
N SER B 46 -17.44 0.37 -7.91
CA SER B 46 -18.34 -0.43 -8.73
C SER B 46 -18.18 -1.91 -8.42
N LEU B 47 -16.95 -2.42 -8.28
CA LEU B 47 -16.77 -3.86 -8.05
C LEU B 47 -17.34 -4.32 -6.72
N MET B 48 -16.93 -3.63 -5.66
CA MET B 48 -17.38 -3.93 -4.29
C MET B 48 -18.88 -3.97 -4.17
N GLN B 49 -19.52 -2.94 -4.74
CA GLN B 49 -20.97 -2.88 -4.91
C GLN B 49 -21.58 -4.09 -5.63
N ALA B 50 -20.86 -4.65 -6.59
CA ALA B 50 -21.29 -5.90 -7.22
C ALA B 50 -20.79 -7.16 -6.48
N ASP B 51 -20.24 -7.00 -5.27
CA ASP B 51 -19.63 -8.13 -4.51
C ASP B 51 -18.54 -8.85 -5.32
N HIS B 52 -17.78 -8.07 -6.08
CA HIS B 52 -16.64 -8.55 -6.86
C HIS B 52 -15.37 -7.97 -6.21
N TRP B 53 -14.29 -8.74 -6.10
CA TRP B 53 -13.10 -8.30 -5.35
C TRP B 53 -11.86 -8.54 -6.15
N LEU B 54 -11.28 -7.46 -6.68
CA LEU B 54 -10.08 -7.53 -7.51
C LEU B 54 -8.87 -7.13 -6.69
N ARG B 55 -7.84 -7.97 -6.70
CA ARG B 55 -6.61 -7.68 -5.98
C ARG B 55 -5.37 -8.26 -6.65
N ARG B 56 -4.25 -7.61 -6.43
CA ARG B 56 -2.96 -8.10 -6.88
C ARG B 56 -2.21 -8.53 -5.60
N ARG B 57 -1.82 -9.79 -5.54
CA ARG B 57 -1.15 -10.27 -4.34
C ARG B 57 0.36 -10.50 -4.58
N GLU B 58 1.17 -9.90 -3.70
CA GLU B 58 2.61 -10.06 -3.74
C GLU B 58 2.88 -11.54 -3.70
N ASP B 59 3.80 -12.02 -4.50
CA ASP B 59 4.12 -13.46 -4.46
C ASP B 59 2.99 -14.40 -4.96
N SER B 60 1.98 -13.85 -5.63
CA SER B 60 0.90 -14.67 -6.17
C SER B 60 0.16 -14.14 -7.43
N GLY B 61 0.20 -12.83 -7.69
CA GLY B 61 -0.44 -12.27 -8.87
C GLY B 61 -1.88 -11.83 -8.70
N TRP B 62 -2.54 -11.56 -9.83
CA TRP B 62 -3.93 -11.04 -9.88
C TRP B 62 -4.90 -12.12 -9.48
N GLU B 63 -5.98 -11.71 -8.83
CA GLU B 63 -7.01 -12.63 -8.41
C GLU B 63 -8.28 -11.80 -8.43
N LEU B 64 -9.34 -12.41 -8.94
CA LEU B 64 -10.66 -11.79 -8.92
C LEU B 64 -11.65 -12.78 -8.31
N LYS B 65 -12.31 -12.34 -7.25
CA LYS B 65 -13.33 -13.13 -6.63
C LYS B 65 -14.68 -12.66 -7.11
N CYS B 66 -15.43 -13.56 -7.75
CA CYS B 66 -16.77 -13.18 -8.09
C CYS B 66 -17.80 -14.12 -7.47
N PRO B 67 -18.90 -13.55 -6.98
CA PRO B 67 -19.90 -14.27 -6.17
C PRO B 67 -20.57 -15.40 -6.93
N GLY B 68 -20.60 -16.59 -6.32
CA GLY B 68 -21.19 -17.79 -6.94
C GLY B 68 -22.68 -17.97 -6.69
N ALA B 69 -23.19 -17.34 -5.64
CA ALA B 69 -24.56 -17.56 -5.21
C ALA B 69 -25.21 -16.30 -4.60
N ALA B 70 -25.21 -15.20 -5.37
CA ALA B 70 -25.74 -13.91 -4.93
C ALA B 70 -27.27 -13.96 -4.74
N GLY B 71 -27.71 -13.57 -3.55
CA GLY B 71 -29.08 -13.80 -3.14
C GLY B 71 -29.25 -15.14 -2.43
N VAL B 72 -29.18 -16.22 -3.21
CA VAL B 72 -29.54 -17.57 -2.71
C VAL B 72 -28.83 -17.95 -1.39
N LEU B 73 -27.63 -17.40 -1.19
CA LEU B 73 -26.80 -17.67 -0.01
C LEU B 73 -26.62 -16.39 0.76
N GLY B 74 -26.30 -16.51 2.05
CA GLY B 74 -25.82 -15.37 2.83
C GLY B 74 -24.75 -14.58 2.08
N PRO B 75 -24.64 -13.26 2.37
CA PRO B 75 -23.55 -12.53 1.72
C PRO B 75 -22.19 -13.04 2.20
N HIS B 76 -21.19 -12.96 1.32
CA HIS B 76 -19.79 -13.32 1.61
C HIS B 76 -19.53 -14.79 2.01
N THR B 77 -20.11 -15.73 1.27
CA THR B 77 -20.00 -17.13 1.64
C THR B 77 -19.42 -17.96 0.51
N GLU B 78 -19.75 -17.58 -0.71
CA GLU B 78 -19.31 -18.31 -1.88
C GLU B 78 -18.79 -17.42 -3.03
N TYR B 79 -17.59 -17.74 -3.52
CA TYR B 79 -16.95 -16.98 -4.60
C TYR B 79 -16.25 -17.93 -5.54
N LYS B 80 -16.19 -17.52 -6.80
CA LYS B 80 -15.30 -18.15 -7.78
C LYS B 80 -13.98 -17.39 -7.72
N GLU B 81 -12.86 -18.10 -7.59
CA GLU B 81 -11.54 -17.47 -7.67
C GLU B 81 -11.09 -17.58 -9.12
N LEU B 82 -10.96 -16.44 -9.78
CA LEU B 82 -10.36 -16.40 -11.10
C LEU B 82 -8.93 -15.93 -10.94
N THR B 83 -7.98 -16.70 -11.46
CA THR B 83 -6.57 -16.36 -11.34
C THR B 83 -5.88 -16.19 -12.70
N ALA B 84 -6.52 -16.70 -13.76
CA ALA B 84 -6.00 -16.59 -15.12
C ALA B 84 -6.37 -15.20 -15.63
N GLU B 85 -5.35 -14.37 -15.85
CA GLU B 85 -5.55 -12.98 -16.25
C GLU B 85 -6.52 -12.71 -17.41
N PRO B 86 -6.44 -13.50 -18.51
CA PRO B 86 -7.41 -13.37 -19.61
C PRO B 86 -8.87 -13.53 -19.15
N THR B 87 -9.12 -14.52 -18.31
CA THR B 87 -10.43 -14.77 -17.73
C THR B 87 -10.89 -13.63 -16.80
N ILE B 88 -9.96 -13.13 -15.98
CA ILE B 88 -10.20 -11.99 -15.12
C ILE B 88 -10.62 -10.76 -15.91
N VAL B 89 -9.81 -10.42 -16.91
CA VAL B 89 -10.11 -9.36 -17.90
C VAL B 89 -11.50 -9.49 -18.52
N ALA B 90 -11.72 -10.57 -19.25
CA ALA B 90 -13.04 -10.93 -19.71
C ALA B 90 -14.08 -10.64 -18.62
N GLN B 91 -13.88 -11.16 -17.40
CA GLN B 91 -14.93 -10.96 -16.39
C GLN B 91 -15.12 -9.51 -15.95
N LEU B 92 -14.01 -8.78 -15.81
CA LEU B 92 -14.05 -7.35 -15.45
C LEU B 92 -14.80 -6.55 -16.47
N CYS B 93 -14.59 -6.87 -17.75
CA CYS B 93 -15.30 -6.25 -18.87
C CYS B 93 -16.82 -6.49 -18.82
N LYS B 94 -17.24 -7.69 -18.42
CA LYS B 94 -18.65 -8.01 -18.18
C LYS B 94 -19.33 -7.15 -17.09
N VAL B 95 -18.75 -7.17 -15.87
CA VAL B 95 -19.37 -6.48 -14.74
C VAL B 95 -19.30 -4.97 -14.88
N LEU B 96 -18.19 -4.47 -15.41
CA LEU B 96 -18.03 -3.01 -15.59
C LEU B 96 -18.66 -2.53 -16.88
N ARG B 97 -19.18 -3.50 -17.65
CA ARG B 97 -19.84 -3.30 -18.92
C ARG B 97 -19.08 -2.39 -19.88
N ALA B 98 -17.83 -2.77 -20.14
CA ALA B 98 -17.05 -2.24 -21.25
C ALA B 98 -17.15 -3.22 -22.41
N ASP B 99 -16.81 -2.76 -23.62
CA ASP B 99 -16.82 -3.62 -24.83
C ASP B 99 -15.65 -4.61 -24.85
N GLY B 100 -15.81 -5.73 -25.55
CA GLY B 100 -14.75 -6.73 -25.72
C GLY B 100 -13.38 -6.14 -26.03
N LEU B 101 -12.63 -5.82 -24.97
CA LEU B 101 -11.34 -5.10 -25.06
C LEU B 101 -10.21 -5.84 -25.80
N GLY B 102 -10.26 -7.17 -25.77
CA GLY B 102 -9.23 -7.99 -26.42
C GLY B 102 -7.88 -7.84 -25.75
N ALA B 103 -7.85 -7.97 -24.43
CA ALA B 103 -6.57 -7.96 -23.69
C ALA B 103 -6.36 -9.25 -22.89
N GLY B 104 -5.12 -9.70 -22.84
CA GLY B 104 -4.78 -10.91 -22.09
C GLY B 104 -3.95 -10.68 -20.84
N ASP B 105 -3.97 -9.45 -20.34
CA ASP B 105 -3.40 -9.15 -19.05
C ASP B 105 -4.11 -7.99 -18.34
N VAL B 106 -4.26 -8.14 -17.03
CA VAL B 106 -5.02 -7.23 -16.21
C VAL B 106 -4.47 -5.82 -16.20
N ALA B 107 -3.15 -5.67 -16.16
CA ALA B 107 -2.50 -4.36 -16.13
C ALA B 107 -2.89 -3.49 -17.31
N ALA B 108 -3.10 -4.10 -18.46
CA ALA B 108 -3.45 -3.35 -19.68
C ALA B 108 -4.88 -2.78 -19.67
N VAL B 109 -5.78 -3.38 -18.88
CA VAL B 109 -7.15 -2.85 -18.85
C VAL B 109 -7.43 -1.88 -17.70
N LEU B 110 -6.48 -1.73 -16.78
CA LEU B 110 -6.70 -0.85 -15.63
C LEU B 110 -7.16 0.57 -16.01
N GLY B 111 -6.38 1.24 -16.86
CA GLY B 111 -6.72 2.60 -17.34
C GLY B 111 -8.01 2.68 -18.16
N PRO B 112 -8.12 1.91 -19.26
CA PRO B 112 -9.36 1.85 -20.07
C PRO B 112 -10.62 1.64 -19.21
N LEU B 113 -10.51 0.78 -18.20
CA LEU B 113 -11.63 0.40 -17.33
C LEU B 113 -11.89 1.34 -16.14
N GLY B 114 -11.01 2.30 -15.92
CA GLY B 114 -11.16 3.22 -14.80
C GLY B 114 -10.82 2.57 -13.47
N LEU B 115 -9.93 1.55 -13.49
CA LEU B 115 -9.54 0.92 -12.23
C LEU B 115 -8.32 1.59 -11.59
N GLN B 116 -8.34 1.65 -10.27
CA GLN B 116 -7.29 2.32 -9.50
C GLN B 116 -7.13 1.64 -8.14
N GLU B 117 -5.98 1.84 -7.50
CA GLU B 117 -5.72 1.28 -6.17
C GLU B 117 -6.64 1.98 -5.14
N VAL B 118 -7.30 1.23 -4.26
CA VAL B 118 -8.15 1.83 -3.25
C VAL B 118 -7.73 1.44 -1.81
N ALA B 119 -6.76 0.52 -1.75
CA ALA B 119 -6.20 0.01 -0.50
C ALA B 119 -4.99 -0.89 -0.80
N SER B 120 -3.94 -0.77 0.01
CA SER B 120 -2.80 -1.70 0.00
C SER B 120 -2.28 -1.83 1.41
N PHE B 121 -2.17 -3.06 1.91
CA PHE B 121 -1.65 -3.32 3.25
C PHE B 121 -1.07 -4.72 3.31
N VAL B 122 -0.35 -4.98 4.41
CA VAL B 122 0.37 -6.22 4.64
C VAL B 122 -0.44 -7.14 5.57
N THR B 123 -0.42 -8.43 5.26
CA THR B 123 -1.07 -9.47 6.08
C THR B 123 -0.04 -10.54 6.47
N LYS B 124 -0.15 -11.01 7.71
CA LYS B 124 0.58 -12.19 8.20
C LYS B 124 -0.44 -13.30 8.38
N ARG B 125 -0.16 -14.44 7.76
CA ARG B 125 -1.13 -15.50 7.70
C ARG B 125 -0.48 -16.75 8.22
N SER B 126 -1.19 -17.49 9.07
N SER B 126 -1.20 -17.52 9.03
CA SER B 126 -0.91 -18.89 9.31
CA SER B 126 -0.83 -18.91 9.29
C SER B 126 -1.92 -19.73 8.51
C SER B 126 -1.87 -19.83 8.63
N ALA B 127 -1.43 -20.57 7.60
CA ALA B 127 -2.31 -21.37 6.75
C ALA B 127 -2.35 -22.82 7.19
N TRP B 128 -3.53 -23.24 7.66
CA TRP B 128 -3.79 -24.57 8.19
C TRP B 128 -4.62 -25.48 7.24
N LYS B 129 -4.37 -26.79 7.34
CA LYS B 129 -5.04 -27.79 6.50
C LYS B 129 -5.62 -28.88 7.39
N LEU B 130 -6.80 -29.35 7.04
CA LEU B 130 -7.44 -30.40 7.82
C LEU B 130 -8.03 -31.44 6.88
N VAL B 131 -7.35 -32.58 6.84
CA VAL B 131 -7.73 -33.68 5.98
C VAL B 131 -8.77 -34.53 6.69
N LEU B 132 -9.93 -34.70 6.05
CA LEU B 132 -10.98 -35.59 6.52
C LEU B 132 -10.88 -36.98 5.88
N GLN B 141 -10.71 -31.91 2.10
CA GLN B 141 -9.82 -30.94 2.75
C GLN B 141 -10.48 -29.58 3.05
N LEU B 142 -10.59 -29.30 4.34
CA LEU B 142 -10.85 -27.94 4.76
C LEU B 142 -9.52 -27.15 4.86
N ARG B 143 -9.64 -25.83 4.88
CA ARG B 143 -8.49 -24.95 5.07
C ARG B 143 -8.93 -23.91 6.10
N VAL B 144 -8.05 -23.57 7.04
CA VAL B 144 -8.37 -22.53 8.02
C VAL B 144 -7.24 -21.51 7.98
N ASP B 145 -7.57 -20.27 7.63
CA ASP B 145 -6.58 -19.21 7.56
C ASP B 145 -6.75 -18.30 8.75
N LEU B 146 -5.62 -17.98 9.38
CA LEU B 146 -5.63 -17.07 10.53
C LEU B 146 -4.77 -15.86 10.19
N ASP B 147 -5.41 -14.70 10.03
CA ASP B 147 -4.77 -13.51 9.45
C ASP B 147 -4.68 -12.37 10.48
N THR B 148 -3.52 -11.70 10.53
CA THR B 148 -3.38 -10.39 11.19
C THR B 148 -2.95 -9.37 10.13
N ALA B 149 -3.78 -8.38 9.88
CA ALA B 149 -3.45 -7.25 9.05
C ALA B 149 -2.48 -6.32 9.79
N ASP B 150 -1.70 -5.55 9.03
CA ASP B 150 -0.70 -4.63 9.61
C ASP B 150 -1.29 -3.44 10.40
N PHE B 151 -2.62 -3.27 10.37
CA PHE B 151 -3.29 -2.18 11.13
C PHE B 151 -3.99 -2.69 12.39
N GLY B 152 -3.80 -3.97 12.70
CA GLY B 152 -4.17 -4.49 14.02
C GLY B 152 -5.21 -5.59 14.00
N TYR B 153 -5.96 -5.68 12.91
CA TYR B 153 -7.12 -6.53 12.82
C TYR B 153 -6.80 -7.99 12.47
N ALA B 154 -7.24 -8.88 13.35
CA ALA B 154 -7.09 -10.33 13.17
C ALA B 154 -8.43 -10.94 12.80
N VAL B 155 -8.39 -11.85 11.82
CA VAL B 155 -9.59 -12.48 11.32
C VAL B 155 -9.20 -13.88 10.83
N GLY B 156 -10.07 -14.86 11.02
CA GLY B 156 -9.86 -16.22 10.57
C GLY B 156 -10.86 -16.58 9.50
N GLU B 157 -10.63 -17.68 8.83
CA GLU B 157 -11.53 -18.14 7.79
C GLU B 157 -11.47 -19.64 7.62
N VAL B 158 -12.64 -20.27 7.74
CA VAL B 158 -12.85 -21.67 7.42
C VAL B 158 -13.34 -21.67 6.00
N GLU B 159 -12.79 -22.57 5.20
CA GLU B 159 -12.91 -22.48 3.75
C GLU B 159 -12.76 -23.85 3.14
N ALA B 160 -13.59 -24.11 2.14
CA ALA B 160 -13.52 -25.34 1.38
C ALA B 160 -13.42 -24.97 -0.08
N LEU B 161 -12.63 -25.70 -0.83
CA LEU B 161 -12.53 -25.47 -2.26
C LEU B 161 -13.13 -26.65 -3.05
N VAL B 162 -14.22 -26.40 -3.77
CA VAL B 162 -14.84 -27.42 -4.61
C VAL B 162 -14.77 -27.05 -6.08
N HIS B 163 -15.10 -28.01 -6.94
CA HIS B 163 -14.96 -27.86 -8.37
C HIS B 163 -16.31 -27.67 -9.02
N GLU B 164 -17.36 -28.17 -8.35
CA GLU B 164 -18.74 -28.16 -8.86
C GLU B 164 -19.73 -27.41 -7.93
N GLU B 165 -20.66 -26.66 -8.52
CA GLU B 165 -21.76 -26.03 -7.77
C GLU B 165 -22.60 -27.03 -6.93
N ALA B 166 -22.77 -28.24 -7.45
CA ALA B 166 -23.44 -29.32 -6.72
C ALA B 166 -22.66 -29.82 -5.49
N GLU B 167 -21.37 -29.48 -5.37
CA GLU B 167 -20.58 -29.86 -4.20
C GLU B 167 -20.72 -28.81 -3.09
N VAL B 168 -21.33 -27.67 -3.39
CA VAL B 168 -21.52 -26.56 -2.43
C VAL B 168 -22.32 -26.90 -1.15
N PRO B 169 -23.49 -27.56 -1.25
CA PRO B 169 -24.22 -27.93 -0.01
C PRO B 169 -23.36 -28.69 1.00
N THR B 170 -22.67 -29.72 0.52
CA THR B 170 -21.75 -30.52 1.36
C THR B 170 -20.64 -29.65 2.00
N ALA B 171 -20.05 -28.75 1.21
CA ALA B 171 -18.99 -27.89 1.68
C ALA B 171 -19.52 -26.94 2.75
N LEU B 172 -20.69 -26.36 2.52
CA LEU B 172 -21.34 -25.53 3.54
C LEU B 172 -21.53 -26.24 4.87
N GLU B 173 -22.01 -27.48 4.81
CA GLU B 173 -22.26 -28.26 6.03
C GLU B 173 -20.96 -28.49 6.82
N LYS B 174 -19.90 -28.90 6.12
CA LYS B 174 -18.62 -29.21 6.79
C LYS B 174 -18.00 -27.97 7.44
N ILE B 175 -18.10 -26.84 6.75
CA ILE B 175 -17.61 -25.57 7.27
C ILE B 175 -18.42 -25.17 8.52
N HIS B 176 -19.71 -25.43 8.53
CA HIS B 176 -20.49 -25.14 9.73
C HIS B 176 -20.16 -26.04 10.94
N ARG B 177 -20.00 -27.34 10.70
CA ARG B 177 -19.66 -28.27 11.79
C ARG B 177 -18.24 -28.02 12.27
N LEU B 178 -17.35 -27.64 11.36
CA LEU B 178 -15.98 -27.33 11.76
C LEU B 178 -15.91 -26.03 12.56
N SER B 179 -16.68 -25.04 12.15
CA SER B 179 -16.82 -23.76 12.88
C SER B 179 -17.35 -23.94 14.31
N SER B 180 -18.38 -24.75 14.47
CA SER B 180 -18.92 -25.04 15.81
C SER B 180 -17.80 -25.55 16.73
N MET B 181 -16.94 -26.40 16.19
CA MET B 181 -15.96 -27.05 17.02
C MET B 181 -14.74 -26.18 17.23
N LEU B 182 -14.63 -25.13 16.43
CA LEU B 182 -13.65 -24.09 16.67
C LEU B 182 -14.16 -23.08 17.71
N GLY B 183 -15.48 -23.13 17.93
CA GLY B 183 -16.14 -22.32 18.94
C GLY B 183 -16.88 -21.14 18.37
N VAL B 184 -17.02 -21.10 17.04
CA VAL B 184 -17.69 -19.98 16.36
C VAL B 184 -19.22 -20.04 16.46
N PRO B 185 -19.85 -19.05 17.12
CA PRO B 185 -21.32 -19.05 17.16
C PRO B 185 -21.92 -18.91 15.76
N ALA B 186 -23.09 -19.52 15.55
CA ALA B 186 -23.75 -19.60 14.24
C ALA B 186 -24.20 -18.24 13.64
N GLN B 187 -24.56 -17.30 14.50
CA GLN B 187 -24.95 -15.97 14.01
C GLN B 187 -23.72 -15.13 13.61
N GLU B 188 -22.62 -15.23 14.36
CA GLU B 188 -21.41 -14.41 14.13
C GLU B 188 -20.97 -14.33 12.67
N THR B 189 -20.72 -13.10 12.26
CA THR B 189 -20.08 -12.81 11.00
C THR B 189 -18.84 -11.96 11.34
N ALA B 190 -17.83 -12.01 10.50
CA ALA B 190 -16.71 -11.10 10.68
C ALA B 190 -16.35 -10.39 9.37
N PRO B 191 -16.13 -9.06 9.43
CA PRO B 191 -15.82 -8.35 8.19
C PRO B 191 -14.48 -8.75 7.56
N ALA B 192 -14.37 -8.65 6.24
CA ALA B 192 -13.11 -8.92 5.57
C ALA B 192 -12.09 -7.84 5.98
N LYS B 193 -10.80 -8.13 5.83
CA LYS B 193 -9.74 -7.16 6.12
C LYS B 193 -9.91 -5.80 5.42
N LEU B 194 -10.37 -5.81 4.16
CA LEU B 194 -10.53 -4.61 3.36
C LEU B 194 -11.65 -3.75 3.89
N ILE B 195 -12.70 -4.39 4.39
CA ILE B 195 -13.81 -3.65 4.96
C ILE B 195 -13.36 -2.88 6.18
N VAL B 196 -12.58 -3.54 7.03
CA VAL B 196 -12.08 -2.95 8.25
C VAL B 196 -11.05 -1.92 7.88
N TYR B 197 -10.24 -2.19 6.86
CA TYR B 197 -9.30 -1.17 6.38
C TYR B 197 -10.08 0.10 5.97
N LEU B 198 -11.14 -0.08 5.19
CA LEU B 198 -11.93 1.05 4.71
C LEU B 198 -12.56 1.79 5.88
N GLN B 199 -13.12 1.06 6.83
CA GLN B 199 -13.75 1.66 7.99
C GLN B 199 -12.75 2.47 8.84
N ARG B 200 -11.54 1.92 9.00
CA ARG B 200 -10.50 2.55 9.81
C ARG B 200 -9.87 3.79 9.15
N PHE B 201 -9.53 3.71 7.86
CA PHE B 201 -8.76 4.76 7.19
C PHE B 201 -9.53 5.55 6.14
N ARG B 202 -10.65 4.99 5.63
CA ARG B 202 -11.45 5.65 4.57
C ARG B 202 -12.96 5.59 4.87
N PRO B 203 -13.35 6.10 6.06
CA PRO B 203 -14.70 5.86 6.55
C PRO B 203 -15.81 6.32 5.58
N GLN B 204 -15.57 7.38 4.83
CA GLN B 204 -16.56 7.91 3.90
C GLN B 204 -16.79 6.99 2.71
N ASP B 205 -15.75 6.27 2.27
CA ASP B 205 -15.91 5.18 1.31
C ASP B 205 -16.60 3.95 1.92
N TYR B 206 -16.16 3.54 3.11
CA TYR B 206 -16.86 2.50 3.78
C TYR B 206 -18.37 2.84 3.74
N GLN B 207 -18.72 4.06 4.13
CA GLN B 207 -20.10 4.52 4.27
C GLN B 207 -20.84 4.52 2.93
N ARG B 208 -20.14 4.93 1.88
CA ARG B 208 -20.61 4.88 0.48
C ARG B 208 -21.17 3.51 0.20
N LEU B 209 -20.44 2.50 0.67
CA LEU B 209 -20.68 1.11 0.36
C LEU B 209 -21.90 0.59 1.11
N LEU B 210 -22.12 1.09 2.32
CA LEU B 210 -23.29 0.72 3.15
C LEU B 210 -24.64 1.20 2.60
N GLU B 211 -24.61 2.29 1.84
CA GLU B 211 -25.81 2.99 1.43
C GLU B 211 -26.63 2.30 0.33
PG 3PO C . 10.13 12.98 5.47
O1G 3PO C . 9.27 14.22 5.43
O2G 3PO C . 9.41 11.75 5.98
O3G 3PO C . 11.49 13.24 6.06
PB 3PO C . 10.95 11.23 3.29
O1B 3PO C . 9.97 10.13 3.71
O2B 3PO C . 12.44 11.05 3.53
O3B 3PO C . 10.45 12.66 3.90
PA 3PO C . 10.94 10.25 0.64
O1A 3PO C . 9.83 9.32 1.08
O2A 3PO C . 12.34 9.69 0.82
O3A 3PO C . 10.84 11.47 1.70
O5' 3PO C . 10.74 10.90 -0.71
C1 EDO D . 4.01 11.63 -6.55
O1 EDO D . 2.87 12.45 -6.23
C2 EDO D . 3.85 10.39 -5.69
O2 EDO D . 4.03 10.79 -4.32
PG 3PO E . -10.09 -10.63 2.51
O1G 3PO E . -11.26 -11.20 1.71
O2G 3PO E . -10.21 -10.86 4.03
O3G 3PO E . -9.79 -9.17 2.21
PB 3PO E . -8.23 -13.06 2.23
O1B 3PO E . -8.81 -13.56 3.55
O2B 3PO E . -6.72 -12.85 2.19
O3B 3PO E . -8.81 -11.52 1.94
PA 3PO E . -8.02 -15.49 0.43
O1A 3PO E . -8.81 -16.57 1.11
O2A 3PO E . -6.56 -15.47 0.68
O3A 3PO E . -8.69 -14.09 1.00
O5' 3PO E . -8.24 -15.57 -1.05
C1 EDO F . 0.37 -5.81 -5.00
O1 EDO F . 0.42 -5.81 -3.58
C2 EDO F . 1.49 -6.73 -5.50
O2 EDO F . 2.00 -6.10 -6.67
C1 EDO G . -11.85 -4.46 -4.13
O1 EDO G . -10.95 -5.59 -3.97
C2 EDO G . -12.87 -4.70 -5.24
O2 EDO G . -12.09 -5.05 -6.38
#